data_9LJN
#
_entry.id   9LJN
#
_cell.length_a   38.024
_cell.length_b   49.112
_cell.length_c   120.311
_cell.angle_alpha   90.00
_cell.angle_beta   90.00
_cell.angle_gamma   90.00
#
_symmetry.space_group_name_H-M   'P 2 2 2'
#
loop_
_entity.id
_entity.type
_entity.pdbx_description
1 polymer 'PRTg (71-MER)'
2 non-polymer GUANINE
3 non-polymer 'MAGNESIUM ION'
4 water water
#
_entity_poly.entity_id   1
_entity_poly.type   'polyribonucleotide'
_entity_poly.pdbx_seq_one_letter_code
;GGGUUGUAUAAGCUCGUUAAUUUGGAAUGAGCGUAUCUACAGGCAACCGUAAAUUGCCCCAGGCUACAAUC
;
_entity_poly.pdbx_strand_id   A
#
loop_
_chem_comp.id
_chem_comp.type
_chem_comp.name
_chem_comp.formula
A RNA linking ADENOSINE-5'-MONOPHOSPHATE 'C10 H14 N5 O7 P'
C RNA linking CYTIDINE-5'-MONOPHOSPHATE 'C9 H14 N3 O8 P'
G RNA linking GUANOSINE-5'-MONOPHOSPHATE 'C10 H14 N5 O8 P'
GUN non-polymer GUANINE 'C5 H5 N5 O'
MG non-polymer 'MAGNESIUM ION' 'Mg 2'
U RNA linking URIDINE-5'-MONOPHOSPHATE 'C9 H13 N2 O9 P'
#
# COMPACT_ATOMS: atom_id res chain seq x y z
N9 GUN B . -1.33 1.94 -1.47
C8 GUN B . -2.07 1.98 -0.33
N7 GUN B . -1.61 1.20 0.62
C5 GUN B . -0.49 0.59 0.06
C6 GUN B . 0.41 -0.36 0.61
O6 GUN B . 0.40 -0.88 1.74
N1 GUN B . 1.41 -0.71 -0.30
C2 GUN B . 1.52 -0.20 -1.56
N2 GUN B . 2.54 -0.65 -2.31
N3 GUN B . 0.68 0.69 -2.08
C4 GUN B . -0.32 1.06 -1.24
MG MG C . -1.16 -4.66 6.26
#